data_7MGS
#
_entry.id   7MGS
#
_cell.length_a   45.771
_cell.length_b   63.312
_cell.length_c   104.646
_cell.angle_alpha   90.000
_cell.angle_beta   90.000
_cell.angle_gamma   90.000
#
_symmetry.space_group_name_H-M   'P 21 21 2'
#
loop_
_entity.id
_entity.type
_entity.pdbx_description
1 polymer '3C-like proteinase'
2 polymer SER-ALA-VAL-LEU-GLN-SER-GLY-PHE
3 non-polymer 'CHLORIDE ION'
4 water water
#
loop_
_entity_poly.entity_id
_entity_poly.type
_entity_poly.pdbx_seq_one_letter_code
_entity_poly.pdbx_strand_id
1 'polypeptide(L)'
;SGFRKMAFPSGKVEGCMVQVTCGTTTLNGLWLDDVVYCPRHVICTSEDMLNPNYEDLLIRKSNHNFLVQAGNVQLRVIGH
SMQNCVLKLKVDTANPKTPKYKFVRIQPGQTFSVLACYNGSPSGVYQCAMRPNFTIKGSFLNGSAGSVGFNIDYDCVSFC
YMHHMELPTGVHAGTDLEGNFYGPFVDRQTAQAAGTDTTITVNVLAWLYAAVINGDRWFLNRFTTTLNDFNLVAMKYNYE
PLTQDHVDILGPLSAQTGIAVLDMCASLKELLQNGMNGRTILGSALLEDEFTPFDVVRQCSGVTFQ
;
A
2 'polypeptide(L)' SAVLQSGFR B
#
loop_
_chem_comp.id
_chem_comp.type
_chem_comp.name
_chem_comp.formula
CL non-polymer 'CHLORIDE ION' 'Cl -1'
#
# COMPACT_ATOMS: atom_id res chain seq x y z
N SER A 1 -22.86 14.08 1.41
CA SER A 1 -21.56 14.64 1.71
C SER A 1 -20.82 13.88 2.83
N GLY A 2 -19.76 14.48 3.33
CA GLY A 2 -18.83 13.78 4.20
C GLY A 2 -17.62 13.29 3.42
N PHE A 3 -16.55 12.99 4.14
CA PHE A 3 -15.34 12.54 3.49
C PHE A 3 -14.60 11.61 4.44
N ARG A 4 -14.35 10.38 4.00
CA ARG A 4 -13.67 9.44 4.89
C ARG A 4 -12.59 8.67 4.13
N LYS A 5 -11.62 8.15 4.87
CA LYS A 5 -10.65 7.26 4.28
C LYS A 5 -11.33 5.93 3.98
N MET A 6 -11.52 5.65 2.69
CA MET A 6 -12.38 4.60 2.20
C MET A 6 -11.50 3.53 1.54
N ALA A 7 -11.70 2.26 1.90
CA ALA A 7 -11.00 1.16 1.23
C ALA A 7 -11.89 0.56 0.15
N PHE A 8 -11.25 -0.11 -0.80
CA PHE A 8 -11.99 -0.88 -1.81
C PHE A 8 -12.73 -2.05 -1.15
N PRO A 9 -13.90 -2.41 -1.68
CA PRO A 9 -14.55 -3.66 -1.27
C PRO A 9 -13.60 -4.83 -1.45
N SER A 10 -13.54 -5.71 -0.46
CA SER A 10 -12.50 -6.72 -0.40
C SER A 10 -12.95 -8.10 -0.84
N GLY A 11 -14.22 -8.27 -1.25
CA GLY A 11 -14.74 -9.60 -1.53
C GLY A 11 -13.92 -10.36 -2.54
N LYS A 12 -13.54 -9.69 -3.64
CA LYS A 12 -12.76 -10.34 -4.70
C LYS A 12 -11.41 -10.84 -4.20
N VAL A 13 -10.80 -10.15 -3.24
CA VAL A 13 -9.51 -10.58 -2.71
C VAL A 13 -9.69 -11.65 -1.64
N GLU A 14 -10.74 -11.57 -0.83
CA GLU A 14 -10.90 -12.51 0.29
C GLU A 14 -10.94 -13.95 -0.20
N GLY A 15 -11.56 -14.19 -1.36
CA GLY A 15 -11.63 -15.55 -1.91
C GLY A 15 -10.31 -16.13 -2.38
N CYS A 16 -9.23 -15.33 -2.32
CA CYS A 16 -7.91 -15.74 -2.78
C CYS A 16 -6.93 -16.01 -1.66
N MET A 17 -7.29 -15.80 -0.41
CA MET A 17 -6.34 -15.86 0.69
C MET A 17 -6.27 -17.30 1.20
N VAL A 18 -5.06 -17.80 1.42
CA VAL A 18 -4.81 -19.13 1.98
C VAL A 18 -3.73 -18.99 3.03
N GLN A 19 -3.54 -20.05 3.82
CA GLN A 19 -2.46 -20.17 4.80
C GLN A 19 -1.34 -21.04 4.21
N VAL A 20 -0.08 -20.61 4.36
CA VAL A 20 1.05 -21.43 3.93
C VAL A 20 1.89 -21.72 5.15
N THR A 21 2.16 -23.00 5.42
CA THR A 21 2.95 -23.37 6.57
C THR A 21 4.12 -24.24 6.16
N CYS A 22 5.32 -23.88 6.61
CA CYS A 22 6.54 -24.67 6.32
C CYS A 22 7.16 -24.95 7.67
N GLY A 23 6.86 -26.10 8.28
CA GLY A 23 7.36 -26.41 9.63
C GLY A 23 6.64 -25.55 10.65
N THR A 24 7.39 -24.69 11.35
CA THR A 24 6.73 -23.89 12.41
C THR A 24 6.39 -22.53 11.83
N THR A 25 6.90 -22.21 10.65
CA THR A 25 6.67 -20.86 10.09
C THR A 25 5.35 -20.85 9.31
N THR A 26 4.49 -19.86 9.57
CA THR A 26 3.21 -19.77 8.90
C THR A 26 2.97 -18.32 8.50
N LEU A 27 2.41 -18.15 7.32
CA LEU A 27 2.06 -16.81 6.83
C LEU A 27 0.92 -16.97 5.81
N ASN A 28 0.60 -15.89 5.11
CA ASN A 28 -0.51 -15.91 4.17
C ASN A 28 0.02 -16.05 2.75
N GLY A 29 -0.81 -16.66 1.89
CA GLY A 29 -0.51 -16.74 0.50
C GLY A 29 -1.73 -16.32 -0.32
N LEU A 30 -1.45 -16.02 -1.58
CA LEU A 30 -2.45 -15.55 -2.54
C LEU A 30 -2.61 -16.63 -3.61
N TRP A 31 -3.79 -17.25 -3.63
CA TRP A 31 -4.12 -18.37 -4.51
C TRP A 31 -4.81 -17.83 -5.75
N LEU A 32 -4.08 -17.78 -6.87
CA LEU A 32 -4.63 -17.32 -8.14
C LEU A 32 -4.45 -18.41 -9.18
N ASP A 33 -5.56 -18.81 -9.81
CA ASP A 33 -5.52 -19.96 -10.72
C ASP A 33 -4.94 -21.15 -9.98
N ASP A 34 -3.87 -21.74 -10.48
CA ASP A 34 -3.31 -22.93 -9.84
C ASP A 34 -1.97 -22.62 -9.19
N VAL A 35 -1.73 -21.36 -8.81
CA VAL A 35 -0.49 -20.92 -8.19
C VAL A 35 -0.81 -20.21 -6.88
N VAL A 36 0.00 -20.47 -5.86
CA VAL A 36 -0.05 -19.74 -4.60
C VAL A 36 1.24 -18.93 -4.47
N TYR A 37 1.09 -17.62 -4.27
CA TYR A 37 2.22 -16.71 -4.16
C TYR A 37 2.40 -16.36 -2.70
N CYS A 38 3.62 -16.45 -2.19
CA CYS A 38 3.81 -16.05 -0.81
C CYS A 38 5.22 -15.56 -0.60
N PRO A 39 5.48 -14.83 0.48
CA PRO A 39 6.84 -14.38 0.79
C PRO A 39 7.74 -15.59 1.01
N ARG A 40 8.96 -15.52 0.48
CA ARG A 40 9.86 -16.66 0.54
C ARG A 40 10.39 -16.91 1.95
N HIS A 41 10.24 -15.96 2.87
CA HIS A 41 10.71 -16.18 4.26
C HIS A 41 9.90 -17.25 5.02
N VAL A 42 8.85 -17.81 4.41
CA VAL A 42 8.12 -18.92 5.03
C VAL A 42 9.01 -20.15 5.23
N ILE A 43 10.09 -20.25 4.43
CA ILE A 43 11.02 -21.42 4.49
C ILE A 43 12.10 -21.17 5.55
N CYS A 44 11.97 -20.07 6.27
CA CYS A 44 12.94 -19.73 7.31
C CYS A 44 12.45 -20.22 8.67
N THR A 45 13.39 -20.54 9.55
CA THR A 45 13.11 -20.64 10.98
C THR A 45 13.50 -19.32 11.64
N SER A 46 13.42 -19.25 12.97
CA SER A 46 13.73 -17.98 13.63
C SER A 46 15.22 -17.67 13.59
N GLU A 47 16.07 -18.70 13.58
CA GLU A 47 17.52 -18.49 13.49
C GLU A 47 17.97 -18.14 12.08
N ASP A 48 17.31 -18.71 11.07
CA ASP A 48 17.69 -18.47 9.69
C ASP A 48 17.54 -17.02 9.26
N MET A 49 16.71 -16.25 9.98
CA MET A 49 16.34 -14.88 9.54
C MET A 49 17.49 -13.87 9.56
N LEU A 50 18.49 -14.06 10.41
CA LEU A 50 19.60 -13.09 10.52
C LEU A 50 20.33 -12.99 9.19
N ASN A 51 20.69 -14.13 8.61
CA ASN A 51 21.41 -14.19 7.33
C ASN A 51 21.00 -15.45 6.58
N PRO A 52 19.80 -15.50 5.95
CA PRO A 52 19.36 -16.71 5.27
C PRO A 52 19.85 -16.94 3.84
N ASN A 53 20.43 -18.11 3.58
CA ASN A 53 20.75 -18.43 2.19
C ASN A 53 19.52 -19.14 1.64
N TYR A 54 18.66 -18.37 0.96
CA TYR A 54 17.34 -18.88 0.62
C TYR A 54 17.43 -20.05 -0.35
N GLU A 55 18.38 -20.00 -1.28
CA GLU A 55 18.55 -21.11 -2.24
C GLU A 55 18.89 -22.39 -1.47
N ASP A 56 19.81 -22.33 -0.51
CA ASP A 56 20.19 -23.56 0.21
C ASP A 56 18.97 -24.07 0.98
N LEU A 57 18.19 -23.18 1.59
CA LEU A 57 17.08 -23.63 2.41
C LEU A 57 15.97 -24.25 1.57
N LEU A 58 15.76 -23.73 0.35
CA LEU A 58 14.69 -24.23 -0.52
C LEU A 58 15.07 -25.54 -1.22
N ILE A 59 16.36 -25.75 -1.45
CA ILE A 59 16.83 -27.03 -2.06
C ILE A 59 16.43 -28.16 -1.10
N ARG A 60 16.40 -27.89 0.20
CA ARG A 60 16.07 -28.93 1.16
C ARG A 60 14.57 -29.17 1.30
N LYS A 61 13.73 -28.40 0.59
CA LYS A 61 12.28 -28.53 0.71
C LYS A 61 11.71 -29.33 -0.45
N SER A 62 10.83 -30.27 -0.13
CA SER A 62 10.04 -30.98 -1.12
C SER A 62 8.64 -30.41 -1.13
N ASN A 63 7.92 -30.63 -2.24
CA ASN A 63 6.54 -30.16 -2.37
C ASN A 63 5.72 -30.41 -1.10
N HIS A 64 5.94 -31.57 -0.49
CA HIS A 64 5.12 -31.94 0.65
C HIS A 64 5.47 -31.14 1.91
N ASN A 65 6.65 -30.50 1.93
CA ASN A 65 7.04 -29.67 3.07
C ASN A 65 6.19 -28.40 3.18
N PHE A 66 5.40 -28.08 2.16
CA PHE A 66 4.54 -26.89 2.14
C PHE A 66 3.11 -27.31 2.42
N LEU A 67 2.57 -26.86 3.54
CA LEU A 67 1.19 -27.16 3.89
C LEU A 67 0.38 -25.91 3.54
N VAL A 68 -0.49 -26.03 2.54
CA VAL A 68 -1.33 -24.95 2.08
C VAL A 68 -2.78 -25.31 2.39
N GLN A 69 -3.46 -24.42 3.11
CA GLN A 69 -4.82 -24.65 3.55
C GLN A 69 -5.68 -23.47 3.11
N ALA A 70 -6.78 -23.77 2.43
CA ALA A 70 -7.77 -22.77 2.05
C ALA A 70 -8.98 -23.10 2.90
N GLY A 71 -9.09 -22.43 4.05
CA GLY A 71 -10.11 -22.77 5.02
C GLY A 71 -9.93 -24.17 5.56
N ASN A 72 -10.92 -25.04 5.06
CA ASN A 72 -10.91 -26.47 5.46
C ASN A 72 -10.14 -27.30 4.43
N VAL A 73 -10.13 -26.92 3.20
CA VAL A 73 -9.50 -27.66 2.11
C VAL A 73 -7.99 -27.55 2.24
N GLN A 74 -7.34 -28.68 2.41
CA GLN A 74 -5.90 -28.78 2.22
C GLN A 74 -5.61 -28.90 0.73
N LEU A 75 -4.63 -28.16 0.23
CA LEU A 75 -4.26 -28.13 -1.19
C LEU A 75 -2.93 -28.82 -1.38
N ARG A 76 -2.87 -29.68 -2.40
CA ARG A 76 -1.63 -30.43 -2.66
C ARG A 76 -0.69 -29.60 -3.53
N VAL A 77 0.52 -29.38 -3.03
CA VAL A 77 1.52 -28.68 -3.82
C VAL A 77 2.22 -29.67 -4.73
N ILE A 78 2.32 -29.32 -6.01
CA ILE A 78 2.87 -30.21 -7.03
C ILE A 78 4.06 -29.57 -7.73
N GLY A 79 4.55 -28.46 -7.22
CA GLY A 79 5.73 -27.81 -7.77
C GLY A 79 5.96 -26.53 -6.98
N HIS A 80 7.21 -26.06 -7.04
CA HIS A 80 7.55 -24.83 -6.33
C HIS A 80 8.76 -24.18 -6.98
N SER A 81 8.72 -22.86 -7.07
CA SER A 81 9.88 -22.09 -7.51
C SER A 81 9.91 -20.78 -6.74
N MET A 82 11.08 -20.17 -6.75
CA MET A 82 11.32 -18.85 -6.16
C MET A 82 11.54 -17.84 -7.26
N GLN A 83 10.77 -16.76 -7.24
CA GLN A 83 11.00 -15.61 -8.11
C GLN A 83 11.32 -14.43 -7.21
N ASN A 84 12.57 -13.96 -7.28
CA ASN A 84 13.04 -12.90 -6.40
C ASN A 84 12.69 -13.22 -4.96
N CYS A 85 11.87 -12.39 -4.30
CA CYS A 85 11.55 -12.59 -2.90
C CYS A 85 10.21 -13.31 -2.67
N VAL A 86 9.58 -13.86 -3.72
CA VAL A 86 8.33 -14.58 -3.52
C VAL A 86 8.48 -16.04 -3.96
N LEU A 87 7.79 -16.91 -3.24
CA LEU A 87 7.62 -18.29 -3.62
C LEU A 87 6.41 -18.41 -4.52
N LYS A 88 6.47 -19.34 -5.46
CA LYS A 88 5.32 -19.71 -6.28
C LYS A 88 5.13 -21.20 -6.11
N LEU A 89 4.03 -21.57 -5.48
CA LEU A 89 3.67 -22.97 -5.23
C LEU A 89 2.60 -23.34 -6.25
N LYS A 90 2.95 -24.25 -7.15
CA LYS A 90 1.97 -24.82 -8.06
C LYS A 90 1.11 -25.80 -7.28
N VAL A 91 -0.21 -25.61 -7.32
CA VAL A 91 -1.10 -26.51 -6.60
C VAL A 91 -2.00 -27.23 -7.60
N ASP A 92 -2.62 -28.31 -7.12
CA ASP A 92 -3.30 -29.22 -8.05
C ASP A 92 -4.76 -28.88 -8.29
N THR A 93 -5.26 -27.78 -7.73
CA THR A 93 -6.58 -27.26 -8.05
C THR A 93 -6.47 -25.76 -8.29
N ALA A 94 -7.15 -25.30 -9.35
CA ALA A 94 -7.24 -23.89 -9.64
C ALA A 94 -8.28 -23.24 -8.73
N ASN A 95 -8.01 -22.02 -8.29
CA ASN A 95 -8.93 -21.41 -7.35
C ASN A 95 -10.21 -21.05 -8.10
N PRO A 96 -11.36 -21.61 -7.72
CA PRO A 96 -12.60 -21.27 -8.45
C PRO A 96 -13.02 -19.82 -8.24
N LYS A 97 -12.55 -19.19 -7.18
CA LYS A 97 -12.96 -17.79 -6.89
C LYS A 97 -11.94 -16.79 -7.46
N THR A 98 -11.05 -17.22 -8.35
CA THR A 98 -10.06 -16.32 -8.94
C THR A 98 -10.76 -15.20 -9.71
N PRO A 99 -10.49 -13.93 -9.39
CA PRO A 99 -11.09 -12.83 -10.15
C PRO A 99 -10.22 -12.52 -11.37
N LYS A 100 -10.74 -11.63 -12.20
CA LYS A 100 -9.90 -11.01 -13.21
C LYS A 100 -8.84 -10.16 -12.52
N TYR A 101 -7.58 -10.27 -12.94
CA TYR A 101 -6.53 -9.65 -12.16
C TYR A 101 -5.31 -9.27 -13.01
N LYS A 102 -4.56 -8.29 -12.48
CA LYS A 102 -3.27 -7.86 -13.00
C LYS A 102 -2.29 -7.72 -11.85
N PHE A 103 -1.01 -7.88 -12.16
CA PHE A 103 0.07 -7.50 -11.26
C PHE A 103 0.60 -6.15 -11.71
N VAL A 104 0.67 -5.18 -10.80
CA VAL A 104 1.19 -3.87 -11.13
C VAL A 104 2.23 -3.45 -10.08
N ARG A 105 3.18 -2.65 -10.50
CA ARG A 105 4.12 -2.01 -9.59
C ARG A 105 3.73 -0.55 -9.48
N ILE A 106 3.28 -0.13 -8.30
CA ILE A 106 2.80 1.23 -8.14
C ILE A 106 3.96 2.16 -7.90
N GLN A 107 3.73 3.46 -8.13
CA GLN A 107 4.63 4.58 -7.92
C GLN A 107 4.46 5.13 -6.51
N PRO A 108 5.50 5.67 -5.89
CA PRO A 108 5.31 6.38 -4.63
C PRO A 108 4.28 7.50 -4.79
N GLY A 109 3.49 7.70 -3.73
CA GLY A 109 2.38 8.63 -3.73
C GLY A 109 1.05 8.00 -4.07
N GLN A 110 1.06 6.83 -4.70
CA GLN A 110 -0.16 6.12 -5.04
C GLN A 110 -0.68 5.36 -3.82
N THR A 111 -1.99 5.17 -3.79
CA THR A 111 -2.66 4.52 -2.68
C THR A 111 -3.21 3.16 -3.10
N PHE A 112 -3.55 2.35 -2.10
CA PHE A 112 -4.15 1.05 -2.32
C PHE A 112 -4.77 0.56 -1.01
N SER A 113 -5.64 -0.43 -1.13
CA SER A 113 -6.27 -1.03 0.02
C SER A 113 -5.48 -2.27 0.42
N VAL A 114 -5.35 -2.48 1.73
CA VAL A 114 -4.69 -3.66 2.26
C VAL A 114 -5.74 -4.51 2.95
N LEU A 115 -5.70 -5.81 2.69
CA LEU A 115 -6.53 -6.80 3.39
C LEU A 115 -5.61 -7.49 4.38
N ALA A 116 -5.68 -7.06 5.64
CA ALA A 116 -4.85 -7.65 6.68
C ALA A 116 -5.36 -9.05 7.00
N CYS A 117 -4.46 -10.05 6.96
CA CYS A 117 -4.82 -11.44 7.15
C CYS A 117 -3.88 -12.12 8.14
N TYR A 118 -4.44 -13.08 8.89
CA TYR A 118 -3.67 -14.00 9.72
C TYR A 118 -4.20 -15.41 9.48
N ASN A 119 -3.27 -16.35 9.33
CA ASN A 119 -3.59 -17.76 9.09
C ASN A 119 -4.56 -17.91 7.92
N GLY A 120 -4.38 -17.10 6.89
CA GLY A 120 -5.23 -17.17 5.71
C GLY A 120 -6.63 -16.60 5.84
N SER A 121 -6.96 -15.96 6.95
CA SER A 121 -8.30 -15.39 7.15
C SER A 121 -8.19 -13.89 7.38
N PRO A 122 -9.08 -13.05 6.80
CA PRO A 122 -8.97 -11.60 6.93
C PRO A 122 -9.37 -11.07 8.30
N SER A 123 -8.62 -10.08 8.78
CA SER A 123 -8.93 -9.41 10.06
C SER A 123 -9.58 -8.07 9.73
N GLY A 124 -9.16 -7.45 8.62
CA GLY A 124 -9.66 -6.11 8.32
C GLY A 124 -9.15 -5.53 7.02
N VAL A 125 -9.74 -4.41 6.62
CA VAL A 125 -9.34 -3.74 5.37
C VAL A 125 -9.14 -2.25 5.66
N TYR A 126 -8.10 -1.67 5.07
CA TYR A 126 -7.85 -0.24 5.23
C TYR A 126 -7.04 0.24 4.04
N GLN A 127 -7.12 1.53 3.77
CA GLN A 127 -6.43 2.18 2.67
C GLN A 127 -5.08 2.69 3.13
N CYS A 128 -4.06 2.60 2.30
CA CYS A 128 -2.75 3.22 2.66
C CYS A 128 -2.03 3.74 1.42
N ALA A 129 -1.01 4.57 1.62
CA ALA A 129 -0.21 5.12 0.53
C ALA A 129 1.20 4.56 0.54
N MET A 130 1.75 4.39 -0.66
CA MET A 130 3.18 4.13 -0.85
C MET A 130 3.95 5.41 -0.55
N ARG A 131 4.69 5.46 0.55
CA ARG A 131 5.36 6.70 0.95
C ARG A 131 6.51 6.99 0.00
N PRO A 132 6.94 8.26 -0.10
CA PRO A 132 8.09 8.59 -0.96
C PRO A 132 9.35 7.80 -0.65
N ASN A 133 9.52 7.33 0.59
CA ASN A 133 10.65 6.51 0.99
C ASN A 133 10.39 5.02 0.84
N PHE A 134 9.31 4.65 0.12
CA PHE A 134 9.01 3.27 -0.24
C PHE A 134 8.61 2.39 0.95
N THR A 135 8.06 2.99 1.98
CA THR A 135 7.42 2.22 3.05
C THR A 135 5.93 2.51 3.04
N ILE A 136 5.17 1.74 3.81
CA ILE A 136 3.80 2.11 4.09
C ILE A 136 3.60 2.12 5.60
N LYS A 137 2.65 2.95 6.02
CA LYS A 137 2.27 3.02 7.45
C LYS A 137 1.02 2.15 7.61
N GLY A 138 1.22 0.85 7.79
CA GLY A 138 0.12 -0.05 7.95
C GLY A 138 -0.14 -0.42 9.39
N SER A 139 -0.83 -1.54 9.58
CA SER A 139 -1.06 -2.13 10.88
C SER A 139 -0.91 -3.63 10.64
N PHE A 140 0.23 -4.18 11.06
CA PHE A 140 0.63 -5.54 10.73
C PHE A 140 1.30 -6.14 11.96
N LEU A 141 0.88 -7.35 12.34
CA LEU A 141 1.45 -8.11 13.46
C LEU A 141 2.23 -9.29 12.89
N ASN A 142 2.88 -10.05 13.77
CA ASN A 142 3.45 -11.31 13.33
C ASN A 142 2.38 -12.26 12.83
N GLY A 143 2.61 -12.82 11.64
CA GLY A 143 1.64 -13.61 10.95
C GLY A 143 1.05 -12.91 9.74
N SER A 144 1.22 -11.58 9.64
CA SER A 144 0.54 -10.86 8.57
C SER A 144 1.27 -10.92 7.23
N ALA A 145 2.53 -11.33 7.20
CA ALA A 145 3.25 -11.40 5.95
C ALA A 145 2.43 -12.16 4.92
N GLY A 146 2.47 -11.73 3.66
CA GLY A 146 1.62 -12.32 2.65
C GLY A 146 0.28 -11.63 2.45
N SER A 147 -0.14 -10.77 3.39
CA SER A 147 -1.28 -9.90 3.14
C SER A 147 -0.96 -9.03 1.94
N VAL A 148 -1.99 -8.67 1.16
CA VAL A 148 -1.73 -8.00 -0.11
C VAL A 148 -2.43 -6.65 -0.15
N GLY A 149 -1.84 -5.74 -0.92
CA GLY A 149 -2.44 -4.45 -1.24
C GLY A 149 -2.95 -4.50 -2.67
N PHE A 150 -4.04 -3.78 -2.94
CA PHE A 150 -4.69 -3.90 -4.24
C PHE A 150 -5.48 -2.63 -4.54
N ASN A 151 -5.76 -2.46 -5.83
CA ASN A 151 -6.73 -1.50 -6.34
C ASN A 151 -7.73 -2.27 -7.20
N ILE A 152 -8.90 -1.69 -7.38
CA ILE A 152 -9.92 -2.27 -8.23
C ILE A 152 -10.29 -1.26 -9.30
N ASP A 153 -10.48 -1.75 -10.52
CA ASP A 153 -11.00 -0.92 -11.64
C ASP A 153 -12.11 -1.75 -12.28
N TYR A 154 -13.38 -1.46 -11.98
CA TYR A 154 -14.56 -2.20 -12.48
C TYR A 154 -14.56 -3.62 -11.92
N ASP A 155 -13.97 -4.55 -12.66
CA ASP A 155 -13.98 -5.97 -12.24
C ASP A 155 -12.55 -6.49 -12.12
N CYS A 156 -11.57 -5.67 -12.50
CA CYS A 156 -10.16 -6.14 -12.49
C CYS A 156 -9.45 -5.73 -11.21
N VAL A 157 -8.96 -6.72 -10.48
CA VAL A 157 -8.13 -6.45 -9.29
C VAL A 157 -6.68 -6.31 -9.73
N SER A 158 -6.07 -5.17 -9.41
CA SER A 158 -4.64 -4.98 -9.60
C SER A 158 -3.97 -5.19 -8.26
N PHE A 159 -3.22 -6.29 -8.13
CA PHE A 159 -2.43 -6.54 -6.93
C PHE A 159 -1.14 -5.78 -7.05
N CYS A 160 -0.78 -4.99 -6.03
CA CYS A 160 0.39 -4.15 -6.14
C CYS A 160 1.39 -4.31 -5.01
N TYR A 161 1.04 -5.03 -3.94
CA TYR A 161 1.86 -5.09 -2.73
C TYR A 161 1.65 -6.43 -2.05
N MET A 162 2.73 -7.09 -1.66
CA MET A 162 2.70 -8.22 -0.76
C MET A 162 3.50 -7.83 0.48
N HIS A 163 2.94 -8.03 1.65
CA HIS A 163 3.63 -7.65 2.91
C HIS A 163 4.72 -8.65 3.30
N HIS A 164 5.85 -8.12 3.77
CA HIS A 164 6.96 -9.01 4.19
C HIS A 164 7.47 -8.62 5.57
N MET A 165 7.66 -7.32 5.82
CA MET A 165 8.36 -6.98 7.07
C MET A 165 8.09 -5.60 7.69
N GLU A 166 8.49 -5.48 8.94
CA GLU A 166 8.36 -4.23 9.68
C GLU A 166 9.74 -3.61 9.89
N LEU A 167 9.85 -2.32 9.66
CA LEU A 167 11.14 -1.60 9.84
C LEU A 167 11.04 -0.73 11.09
N PRO A 168 12.16 -0.29 11.68
CA PRO A 168 12.12 0.60 12.83
C PRO A 168 11.11 1.75 12.73
N THR A 169 10.55 2.18 13.86
CA THR A 169 9.48 3.20 13.98
C THR A 169 8.12 2.69 13.51
N GLY A 170 7.97 1.39 13.25
CA GLY A 170 6.65 0.85 12.98
C GLY A 170 6.14 1.09 11.57
N VAL A 171 7.02 1.17 10.58
CA VAL A 171 6.61 1.32 9.19
C VAL A 171 6.81 -0.05 8.54
N HIS A 172 6.33 -0.21 7.31
CA HIS A 172 6.23 -1.54 6.74
C HIS A 172 6.76 -1.57 5.32
N ALA A 173 7.30 -2.73 4.94
CA ALA A 173 8.01 -2.84 3.68
C ALA A 173 7.63 -4.15 3.03
N GLY A 174 7.52 -4.14 1.71
CA GLY A 174 7.11 -5.33 1.00
C GLY A 174 7.49 -5.28 -0.46
N THR A 175 6.86 -6.16 -1.25
CA THR A 175 7.27 -6.36 -2.63
C THR A 175 6.08 -6.17 -3.55
N ASP A 176 6.35 -6.10 -4.84
CA ASP A 176 5.27 -6.27 -5.80
C ASP A 176 5.07 -7.78 -5.97
N LEU A 177 4.10 -8.18 -6.79
CA LEU A 177 3.79 -9.61 -6.86
C LEU A 177 4.77 -10.36 -7.76
N GLU A 178 5.78 -9.67 -8.26
CA GLU A 178 6.87 -10.35 -9.00
C GLU A 178 7.99 -10.60 -7.99
N GLY A 179 7.84 -10.10 -6.76
CA GLY A 179 8.78 -10.39 -5.71
C GLY A 179 9.91 -9.42 -5.56
N ASN A 180 9.87 -8.29 -6.27
CA ASN A 180 10.89 -7.25 -6.08
C ASN A 180 10.43 -6.28 -4.98
N PHE A 181 11.31 -5.99 -4.03
CA PHE A 181 10.97 -5.12 -2.93
C PHE A 181 10.73 -3.69 -3.42
N TYR A 182 9.77 -3.01 -2.79
CA TYR A 182 9.69 -1.56 -2.93
C TYR A 182 10.79 -0.95 -2.09
N GLY A 183 11.58 -0.05 -2.69
CA GLY A 183 12.69 0.57 -2.00
C GLY A 183 13.90 -0.33 -1.83
N PRO A 184 14.93 0.21 -1.17
CA PRO A 184 16.22 -0.47 -1.03
C PRO A 184 16.27 -1.41 0.18
N PHE A 185 15.33 -2.34 0.26
CA PHE A 185 15.22 -3.23 1.39
C PHE A 185 15.43 -4.69 0.98
N VAL A 186 15.76 -5.53 1.96
CA VAL A 186 16.02 -6.95 1.75
C VAL A 186 15.30 -7.73 2.84
N ASP A 187 14.90 -8.98 2.52
CA ASP A 187 14.16 -9.80 3.49
C ASP A 187 15.16 -10.53 4.40
N ARG A 188 15.75 -9.74 5.30
CA ARG A 188 16.75 -10.22 6.23
C ARG A 188 16.56 -9.47 7.54
N GLN A 189 16.81 -10.15 8.66
CA GLN A 189 16.79 -9.48 9.95
C GLN A 189 18.12 -8.77 10.18
N THR A 190 18.31 -7.68 9.44
CA THR A 190 19.52 -6.87 9.51
C THR A 190 19.14 -5.45 9.88
N ALA A 191 20.16 -4.64 10.14
CA ALA A 191 19.97 -3.22 10.36
C ALA A 191 19.56 -2.58 9.04
N GLN A 192 18.32 -2.12 8.98
CA GLN A 192 17.84 -1.38 7.83
C GLN A 192 16.97 -0.26 8.36
N ALA A 193 16.97 0.85 7.64
CA ALA A 193 16.21 2.00 8.12
C ALA A 193 15.44 2.62 6.96
N ALA A 194 14.21 3.04 7.25
CA ALA A 194 13.47 3.79 6.23
C ALA A 194 14.17 5.13 6.13
N GLY A 195 14.33 5.62 4.91
CA GLY A 195 14.90 6.96 4.79
C GLY A 195 13.93 8.05 5.16
N THR A 196 14.42 9.28 5.20
CA THR A 196 13.60 10.46 5.44
C THR A 196 12.36 10.46 4.55
N ASP A 197 11.21 10.59 5.20
CA ASP A 197 9.95 10.65 4.44
C ASP A 197 9.53 12.09 4.20
N THR A 198 8.88 12.35 3.09
CA THR A 198 8.38 13.66 2.70
C THR A 198 6.87 13.59 2.53
N THR A 199 6.25 14.77 2.45
CA THR A 199 4.80 14.88 2.30
C THR A 199 4.45 14.97 0.82
N ILE A 200 3.53 14.11 0.38
CA ILE A 200 3.06 14.04 -1.00
C ILE A 200 2.17 15.25 -1.28
N THR A 201 2.78 16.27 -1.86
CA THR A 201 2.09 17.56 -2.03
C THR A 201 0.83 17.45 -2.88
N VAL A 202 0.90 16.70 -3.98
CA VAL A 202 -0.26 16.62 -4.88
C VAL A 202 -1.45 16.02 -4.15
N ASN A 203 -1.20 15.08 -3.22
CA ASN A 203 -2.26 14.49 -2.42
C ASN A 203 -2.85 15.48 -1.42
N VAL A 204 -2.01 16.31 -0.78
CA VAL A 204 -2.55 17.34 0.09
C VAL A 204 -3.47 18.27 -0.70
N LEU A 205 -3.05 18.63 -1.90
CA LEU A 205 -3.87 19.53 -2.70
C LEU A 205 -5.18 18.84 -3.06
N ALA A 206 -5.14 17.54 -3.36
CA ALA A 206 -6.39 16.84 -3.67
C ALA A 206 -7.34 16.89 -2.48
N TRP A 207 -6.80 16.70 -1.28
CA TRP A 207 -7.59 16.69 -0.05
C TRP A 207 -8.20 18.06 0.25
N LEU A 208 -7.47 19.14 -0.05
CA LEU A 208 -8.02 20.47 0.13
C LEU A 208 -9.17 20.71 -0.85
N TYR A 209 -9.05 20.18 -2.07
CA TYR A 209 -10.18 20.24 -3.01
C TYR A 209 -11.37 19.46 -2.48
N ALA A 210 -11.11 18.28 -1.89
CA ALA A 210 -12.18 17.53 -1.25
C ALA A 210 -12.90 18.39 -0.22
N ALA A 211 -12.15 19.13 0.59
CA ALA A 211 -12.74 19.97 1.63
C ALA A 211 -13.64 21.03 1.04
N VAL A 212 -13.16 21.70 -0.02
CA VAL A 212 -13.96 22.71 -0.70
C VAL A 212 -15.28 22.12 -1.21
N ILE A 213 -15.21 20.92 -1.81
CA ILE A 213 -16.43 20.29 -2.33
C ILE A 213 -17.42 20.01 -1.20
N ASN A 214 -16.91 19.65 -0.03
CA ASN A 214 -17.72 19.46 1.17
C ASN A 214 -18.02 20.74 1.95
N GLY A 215 -17.66 21.91 1.42
CA GLY A 215 -18.06 23.15 2.05
C GLY A 215 -17.15 23.67 3.15
N ASP A 216 -15.96 23.11 3.32
CA ASP A 216 -14.96 23.62 4.30
C ASP A 216 -14.02 24.55 3.53
N ARG A 217 -14.30 25.85 3.50
CA ARG A 217 -13.51 26.76 2.63
C ARG A 217 -12.81 27.89 3.41
N TRP A 218 -12.65 27.76 4.73
CA TRP A 218 -12.09 28.88 5.47
C TRP A 218 -10.64 29.18 5.10
N PHE A 219 -9.90 28.18 4.60
CA PHE A 219 -8.47 28.37 4.30
C PHE A 219 -8.24 28.99 2.94
N LEU A 220 -9.28 29.18 2.15
CA LEU A 220 -9.13 29.79 0.82
C LEU A 220 -8.76 31.26 0.96
N ASN A 221 -7.62 31.64 0.43
CA ASN A 221 -7.21 33.05 0.47
C ASN A 221 -7.51 33.71 -0.88
N ARG A 222 -7.00 34.91 -1.09
CA ARG A 222 -7.33 35.64 -2.33
C ARG A 222 -6.09 35.75 -3.22
N PHE A 223 -4.96 35.14 -2.84
CA PHE A 223 -3.74 35.35 -3.65
C PHE A 223 -3.54 34.21 -4.63
N THR A 224 -2.58 34.37 -5.51
CA THR A 224 -2.16 33.30 -6.38
C THR A 224 -0.66 33.18 -6.20
N THR A 225 -0.07 32.17 -6.81
CA THR A 225 1.37 31.99 -6.67
C THR A 225 1.87 31.43 -7.98
N THR A 226 3.19 31.50 -8.17
CA THR A 226 3.77 30.76 -9.28
C THR A 226 4.18 29.38 -8.78
N LEU A 227 4.27 28.45 -9.73
CA LEU A 227 4.71 27.09 -9.40
C LEU A 227 6.11 27.12 -8.76
N ASN A 228 7.05 27.85 -9.35
CA ASN A 228 8.40 27.88 -8.78
C ASN A 228 8.39 28.48 -7.38
N ASP A 229 7.63 29.54 -7.17
CA ASP A 229 7.59 30.16 -5.83
C ASP A 229 6.94 29.19 -4.84
N PHE A 230 5.87 28.52 -5.26
CA PHE A 230 5.28 27.52 -4.39
C PHE A 230 6.31 26.48 -3.98
N ASN A 231 7.06 25.96 -4.95
CA ASN A 231 7.98 24.86 -4.66
C ASN A 231 9.14 25.29 -3.76
N LEU A 232 9.45 26.59 -3.71
CA LEU A 232 10.43 27.07 -2.73
C LEU A 232 9.93 26.90 -1.31
N VAL A 233 8.66 27.22 -1.05
CA VAL A 233 8.14 27.08 0.30
C VAL A 233 7.91 25.61 0.64
N ALA A 234 7.26 24.86 -0.24
CA ALA A 234 6.98 23.45 0.00
C ALA A 234 8.24 22.73 0.42
N MET A 235 9.34 22.99 -0.28
CA MET A 235 10.64 22.30 -0.02
C MET A 235 11.10 22.56 1.41
N LYS A 236 10.87 23.77 1.89
CA LYS A 236 11.27 24.06 3.26
C LYS A 236 10.54 23.22 4.29
N TYR A 237 9.29 22.85 4.02
CA TYR A 237 8.48 22.07 4.96
C TYR A 237 8.48 20.59 4.62
N ASN A 238 9.49 20.12 3.89
CA ASN A 238 9.62 18.70 3.59
C ASN A 238 8.44 18.19 2.76
N TYR A 239 7.97 19.01 1.84
CA TYR A 239 6.96 18.63 0.85
C TYR A 239 7.65 18.26 -0.45
N GLU A 240 7.07 17.30 -1.18
CA GLU A 240 7.60 16.97 -2.51
C GLU A 240 7.38 18.12 -3.47
N PRO A 241 8.23 18.27 -4.49
CA PRO A 241 7.97 19.28 -5.51
C PRO A 241 6.69 18.98 -6.28
N LEU A 242 5.92 20.02 -6.55
CA LEU A 242 4.78 19.90 -7.45
C LEU A 242 5.25 20.10 -8.89
N THR A 243 4.95 19.14 -9.77
CA THR A 243 5.31 19.21 -11.17
C THR A 243 4.11 19.63 -12.02
N GLN A 244 4.39 20.03 -13.27
CA GLN A 244 3.29 20.40 -14.16
C GLN A 244 2.37 19.21 -14.43
N ASP A 245 2.89 18.00 -14.39
CA ASP A 245 2.01 16.81 -14.53
C ASP A 245 1.04 16.79 -13.36
N HIS A 246 1.52 17.07 -12.15
CA HIS A 246 0.65 17.10 -10.97
C HIS A 246 -0.44 18.13 -11.11
N VAL A 247 -0.08 19.31 -11.60
CA VAL A 247 -1.05 20.38 -11.83
C VAL A 247 -2.12 19.91 -12.82
N ASP A 248 -1.69 19.22 -13.87
CA ASP A 248 -2.67 18.69 -14.84
C ASP A 248 -3.55 17.60 -14.22
N ILE A 249 -2.95 16.72 -13.40
CA ILE A 249 -3.74 15.67 -12.74
C ILE A 249 -4.79 16.27 -11.83
N LEU A 250 -4.52 17.45 -11.29
CA LEU A 250 -5.50 18.13 -10.44
C LEU A 250 -6.55 18.87 -11.25
N GLY A 251 -6.48 18.83 -12.57
CA GLY A 251 -7.39 19.57 -13.45
C GLY A 251 -8.88 19.33 -13.21
N PRO A 252 -9.31 18.08 -13.14
CA PRO A 252 -10.75 17.83 -12.92
C PRO A 252 -11.26 18.40 -11.61
N LEU A 253 -10.50 18.24 -10.54
CA LEU A 253 -10.91 18.82 -9.26
C LEU A 253 -10.94 20.34 -9.36
N SER A 254 -9.92 20.92 -10.01
CA SER A 254 -9.88 22.37 -10.20
C SER A 254 -11.12 22.85 -10.95
N ALA A 255 -11.48 22.14 -12.02
CA ALA A 255 -12.64 22.53 -12.82
C ALA A 255 -13.92 22.44 -12.01
N GLN A 256 -14.09 21.34 -11.27
CA GLN A 256 -15.27 21.18 -10.44
C GLN A 256 -15.47 22.34 -9.49
N THR A 257 -14.39 22.78 -8.82
CA THR A 257 -14.54 23.81 -7.79
C THR A 257 -14.36 25.21 -8.33
N GLY A 258 -13.84 25.37 -9.54
CA GLY A 258 -13.56 26.69 -10.04
C GLY A 258 -12.35 27.37 -9.43
N ILE A 259 -11.51 26.63 -8.71
CA ILE A 259 -10.29 27.16 -8.11
C ILE A 259 -9.08 26.64 -8.88
N ALA A 260 -8.34 27.54 -9.51
CA ALA A 260 -7.13 27.15 -10.21
C ALA A 260 -6.17 26.48 -9.23
N VAL A 261 -5.37 25.56 -9.75
CA VAL A 261 -4.42 24.84 -8.90
C VAL A 261 -3.45 25.82 -8.23
N LEU A 262 -2.97 26.81 -8.98
CA LEU A 262 -2.01 27.77 -8.43
C LEU A 262 -2.64 28.63 -7.32
N ASP A 263 -3.95 28.85 -7.37
CA ASP A 263 -4.66 29.50 -6.27
C ASP A 263 -4.75 28.59 -5.04
N MET A 264 -5.10 27.31 -5.24
CA MET A 264 -5.06 26.38 -4.11
C MET A 264 -3.66 26.32 -3.52
N CYS A 265 -2.63 26.38 -4.37
CA CYS A 265 -1.25 26.40 -3.89
C CYS A 265 -0.98 27.60 -3.01
N ALA A 266 -1.48 28.77 -3.40
CA ALA A 266 -1.33 29.95 -2.54
C ALA A 266 -1.95 29.73 -1.17
N SER A 267 -3.09 29.05 -1.12
CA SER A 267 -3.72 28.75 0.18
C SER A 267 -2.93 27.71 0.97
N LEU A 268 -2.38 26.68 0.31
CA LEU A 268 -1.53 25.73 1.01
C LEU A 268 -0.28 26.40 1.58
N LYS A 269 0.35 27.30 0.80
CA LYS A 269 1.53 28.01 1.29
C LYS A 269 1.25 28.75 2.60
N GLU A 270 0.07 29.39 2.70
CA GLU A 270 -0.29 30.10 3.92
C GLU A 270 -0.51 29.13 5.08
N LEU A 271 -1.19 28.00 4.82
CA LEU A 271 -1.34 26.99 5.86
C LEU A 271 0.02 26.51 6.36
N LEU A 272 0.99 26.36 5.46
CA LEU A 272 2.29 25.84 5.86
C LEU A 272 3.05 26.87 6.68
N GLN A 273 2.96 28.14 6.29
CA GLN A 273 3.72 29.19 6.94
C GLN A 273 3.06 29.67 8.22
N ASN A 274 1.75 29.49 8.36
CA ASN A 274 1.02 30.08 9.48
C ASN A 274 0.32 29.09 10.38
N GLY A 275 0.26 27.80 10.00
CA GLY A 275 -0.47 26.81 10.78
C GLY A 275 -1.97 26.96 10.62
N MET A 276 -2.71 26.16 11.39
CA MET A 276 -4.17 26.18 11.32
C MET A 276 -4.83 26.94 12.46
N ASN A 277 -4.05 27.41 13.45
CA ASN A 277 -4.60 28.23 14.53
C ASN A 277 -5.78 27.57 15.23
N GLY A 278 -5.63 26.27 15.51
CA GLY A 278 -6.65 25.51 16.19
C GLY A 278 -7.79 25.02 15.33
N ARG A 279 -7.86 25.42 14.07
CA ARG A 279 -8.95 25.04 13.19
C ARG A 279 -8.73 23.64 12.62
N THR A 280 -9.79 23.06 12.08
CA THR A 280 -9.68 21.76 11.43
C THR A 280 -10.17 21.92 9.99
N ILE A 281 -9.72 20.99 9.13
CA ILE A 281 -10.20 20.85 7.75
C ILE A 281 -10.68 19.41 7.62
N LEU A 282 -11.96 19.22 7.30
CA LEU A 282 -12.52 17.87 7.13
C LEU A 282 -12.36 17.04 8.40
N GLY A 283 -12.42 17.71 9.56
CA GLY A 283 -12.28 17.06 10.83
C GLY A 283 -10.85 16.80 11.26
N SER A 284 -9.89 17.29 10.49
CA SER A 284 -8.47 16.99 10.76
C SER A 284 -7.66 18.22 11.15
N ALA A 285 -6.75 18.06 12.11
CA ALA A 285 -5.90 19.14 12.58
C ALA A 285 -4.52 19.12 11.95
N LEU A 286 -4.22 18.12 11.13
CA LEU A 286 -3.01 18.07 10.32
C LEU A 286 -3.42 17.99 8.85
N LEU A 287 -2.53 18.39 7.96
CA LEU A 287 -2.82 18.23 6.54
C LEU A 287 -2.66 16.76 6.15
N GLU A 288 -3.62 16.22 5.38
CA GLU A 288 -3.65 14.80 5.02
C GLU A 288 -3.10 14.61 3.62
N ASP A 289 -2.22 13.62 3.44
CA ASP A 289 -1.57 13.40 2.15
C ASP A 289 -1.73 11.96 1.64
N GLU A 290 -2.76 11.23 2.10
CA GLU A 290 -2.97 9.86 1.63
C GLU A 290 -4.28 9.72 0.86
N PHE A 291 -4.72 10.80 0.21
CA PHE A 291 -5.79 10.74 -0.79
C PHE A 291 -5.19 11.24 -2.09
N THR A 292 -5.13 10.37 -3.10
CA THR A 292 -4.77 10.82 -4.44
C THR A 292 -5.89 11.64 -5.06
N PRO A 293 -5.62 12.36 -6.16
CA PRO A 293 -6.72 13.04 -6.86
C PRO A 293 -7.79 12.07 -7.35
N PHE A 294 -7.38 10.90 -7.82
CA PHE A 294 -8.39 9.90 -8.22
C PHE A 294 -9.20 9.44 -7.02
N ASP A 295 -8.55 9.24 -5.86
CA ASP A 295 -9.29 8.85 -4.66
C ASP A 295 -10.40 9.87 -4.36
N VAL A 296 -10.07 11.17 -4.44
CA VAL A 296 -11.08 12.18 -4.14
C VAL A 296 -12.21 12.11 -5.15
N VAL A 297 -11.87 12.04 -6.43
CA VAL A 297 -12.90 11.97 -7.48
C VAL A 297 -13.80 10.76 -7.28
N ARG A 298 -13.22 9.60 -7.03
CA ARG A 298 -14.00 8.38 -6.79
C ARG A 298 -14.98 8.55 -5.65
N GLN A 299 -14.49 9.07 -4.52
CA GLN A 299 -15.34 9.19 -3.34
C GLN A 299 -16.40 10.27 -3.53
N CYS A 300 -16.02 11.41 -4.12
CA CYS A 300 -16.97 12.52 -4.26
C CYS A 300 -17.94 12.34 -5.43
N SER A 301 -17.64 11.46 -6.37
CA SER A 301 -18.57 11.16 -7.47
C SER A 301 -19.22 9.79 -7.35
N GLY A 302 -18.76 8.96 -6.42
CA GLY A 302 -19.42 7.66 -6.19
C GLY A 302 -19.15 6.63 -7.26
N VAL A 303 -17.90 6.45 -7.65
CA VAL A 303 -17.58 5.37 -8.62
C VAL A 303 -17.71 4.01 -7.93
N THR A 304 -18.31 3.05 -8.62
CA THR A 304 -18.57 1.72 -8.04
C THR A 304 -17.77 0.67 -8.82
N PHE A 305 -17.71 -0.56 -8.30
CA PHE A 305 -16.94 -1.62 -8.96
C PHE A 305 -17.72 -2.92 -9.15
N SER B 1 16.04 -3.19 14.10
CA SER B 1 16.32 -3.85 12.81
C SER B 1 15.02 -4.18 12.10
N ALA B 2 15.18 -4.76 10.94
CA ALA B 2 14.04 -5.23 10.15
C ALA B 2 13.53 -6.54 10.73
N VAL B 3 12.20 -6.69 10.79
CA VAL B 3 11.59 -7.88 11.40
C VAL B 3 10.68 -8.55 10.38
N LEU B 4 10.95 -9.81 10.07
CA LEU B 4 10.11 -10.55 9.13
C LEU B 4 8.85 -11.02 9.86
N GLN B 5 7.71 -10.67 9.26
CA GLN B 5 6.41 -10.83 9.94
C GLN B 5 5.69 -12.15 9.68
N SER B 6 6.41 -13.23 9.47
CA SER B 6 5.77 -14.53 9.53
C SER B 6 5.26 -14.78 10.95
N GLY B 7 4.52 -15.88 11.11
CA GLY B 7 3.98 -16.27 12.38
C GLY B 7 4.51 -17.63 12.82
N PHE B 8 4.25 -17.95 14.09
CA PHE B 8 4.51 -19.31 14.58
C PHE B 8 3.29 -20.19 14.39
CL CL C . -5.69 14.72 13.22
#